data_2FC0
#
_entry.id   2FC0
#
_cell.length_a   81.104
_cell.length_b   81.104
_cell.length_c   93.560
_cell.angle_alpha   90.00
_cell.angle_beta   90.00
_cell.angle_gamma   120.00
#
_symmetry.space_group_name_H-M   'P 32 2 1'
#
loop_
_entity.id
_entity.type
_entity.pdbx_description
1 polymer 'Werner syndrome helicase'
2 non-polymer 'MANGANESE (II) ION'
3 non-polymer "2'-DEOXYGUANOSINE-5'-MONOPHOSPHATE"
4 water water
#
_entity_poly.entity_id   1
_entity_poly.type   'polypeptide(L)'
_entity_poly.pdbx_seq_one_letter_code
;HHHHHHSVFEDDLPFLEFTGSIVYSYDASDCSFLSEDISMSLSDGDVVGFDMEWPPLYNRGKLGKVALIQLCVSESKCYL
FHVSSMSVFPQGLKMLLENKAVKKAGVGIEGDQWKLLRDFDIKLKNFVELTDVANKKLKCTETWSLNSLVKHLLGKQLLK
DKSIRCSNWSKFPLTEDQKLYAATDAYAGFIIYRNLEILDDTVQR
;
_entity_poly.pdbx_strand_id   A
#
# COMPACT_ATOMS: atom_id res chain seq x y z
N HIS A 5 17.67 2.62 -29.37
CA HIS A 5 17.00 3.95 -29.54
C HIS A 5 15.56 3.86 -29.04
N HIS A 6 15.17 4.79 -28.17
CA HIS A 6 13.82 4.81 -27.62
C HIS A 6 13.12 6.14 -27.85
N SER A 7 11.80 6.14 -27.67
CA SER A 7 10.99 7.34 -27.86
C SER A 7 11.01 8.21 -26.60
N VAL A 8 10.43 9.40 -26.70
CA VAL A 8 10.37 10.34 -25.59
C VAL A 8 9.50 9.74 -24.48
N PHE A 9 8.46 9.02 -24.89
CA PHE A 9 7.54 8.40 -23.94
C PHE A 9 8.28 7.39 -23.06
N GLU A 10 9.41 6.88 -23.56
CA GLU A 10 10.19 5.90 -22.82
C GLU A 10 11.30 6.52 -21.98
N ASP A 11 11.44 7.84 -22.02
CA ASP A 11 12.46 8.51 -21.23
C ASP A 11 12.25 8.24 -19.76
N ASP A 12 13.30 8.39 -18.97
CA ASP A 12 13.20 8.17 -17.53
C ASP A 12 12.64 9.41 -16.86
N LEU A 13 11.61 9.22 -16.05
CA LEU A 13 10.96 10.31 -15.34
C LEU A 13 11.53 10.41 -13.92
N PRO A 14 11.25 11.51 -13.22
CA PRO A 14 11.76 11.63 -11.86
C PRO A 14 11.12 10.51 -11.03
N PHE A 15 11.75 10.12 -9.93
CA PHE A 15 11.18 9.06 -9.09
C PHE A 15 10.19 9.62 -8.09
N LEU A 16 9.11 8.86 -7.86
CA LEU A 16 8.11 9.28 -6.89
C LEU A 16 8.69 8.88 -5.53
N GLU A 17 8.75 9.84 -4.61
CA GLU A 17 9.30 9.55 -3.28
C GLU A 17 8.50 10.27 -2.21
N PHE A 18 8.01 9.51 -1.24
CA PHE A 18 7.24 10.07 -0.14
C PHE A 18 8.18 10.79 0.81
N THR A 19 7.93 12.06 1.09
CA THR A 19 8.79 12.83 1.98
C THR A 19 8.13 13.22 3.29
N GLY A 20 6.93 12.71 3.53
CA GLY A 20 6.22 13.02 4.76
C GLY A 20 6.71 12.20 5.96
N SER A 21 5.89 12.16 7.00
CA SER A 21 6.23 11.42 8.21
C SER A 21 5.89 9.94 8.08
N ILE A 22 6.83 9.08 8.49
CA ILE A 22 6.65 7.64 8.44
C ILE A 22 6.62 7.08 9.85
N VAL A 23 5.50 6.46 10.23
CA VAL A 23 5.33 5.85 11.55
C VAL A 23 5.62 4.36 11.41
N TYR A 24 6.69 3.90 12.04
CA TYR A 24 7.09 2.50 11.98
C TYR A 24 6.66 1.79 13.26
N SER A 25 5.86 0.74 13.11
CA SER A 25 5.35 -0.03 14.24
C SER A 25 5.67 -1.51 14.08
N TYR A 26 6.20 -2.11 15.13
CA TYR A 26 6.56 -3.52 15.08
C TYR A 26 6.13 -4.30 16.31
N ASP A 27 5.12 -3.77 17.02
CA ASP A 27 4.57 -4.40 18.22
C ASP A 27 3.06 -4.39 18.06
N ALA A 28 2.43 -5.53 18.33
CA ALA A 28 0.99 -5.67 18.18
C ALA A 28 0.11 -4.62 18.83
N SER A 29 0.23 -4.44 20.15
CA SER A 29 -0.59 -3.45 20.84
C SER A 29 -0.36 -2.03 20.33
N ASP A 30 0.90 -1.68 20.08
CA ASP A 30 1.21 -0.35 19.55
C ASP A 30 0.42 -0.16 18.25
N CYS A 31 0.50 -1.17 17.38
CA CYS A 31 -0.20 -1.14 16.10
C CYS A 31 -1.70 -0.98 16.26
N SER A 32 -2.28 -1.69 17.22
CA SER A 32 -3.73 -1.60 17.45
C SER A 32 -4.13 -0.18 17.84
N PHE A 33 -3.36 0.45 18.72
CA PHE A 33 -3.68 1.81 19.14
C PHE A 33 -3.46 2.81 18.00
N LEU A 34 -2.42 2.57 17.21
CA LEU A 34 -2.14 3.43 16.06
C LEU A 34 -3.34 3.38 15.12
N SER A 35 -3.89 2.17 14.92
CA SER A 35 -5.03 1.98 14.04
C SER A 35 -6.25 2.74 14.57
N GLU A 36 -6.39 2.82 15.88
CA GLU A 36 -7.49 3.57 16.48
C GLU A 36 -7.22 5.06 16.27
N ASP A 37 -5.94 5.45 16.28
CA ASP A 37 -5.60 6.85 16.03
C ASP A 37 -6.11 7.18 14.63
N ILE A 38 -5.81 6.30 13.69
CA ILE A 38 -6.24 6.49 12.31
C ILE A 38 -7.75 6.61 12.24
N SER A 39 -8.46 5.68 12.89
CA SER A 39 -9.92 5.70 12.89
C SER A 39 -10.49 6.99 13.46
N MET A 40 -9.79 7.60 14.41
CA MET A 40 -10.27 8.84 15.01
C MET A 40 -10.10 10.04 14.09
N SER A 41 -9.19 9.95 13.13
CA SER A 41 -8.94 11.05 12.21
C SER A 41 -9.70 10.96 10.90
N LEU A 42 -10.49 9.90 10.72
CA LEU A 42 -11.25 9.71 9.49
C LEU A 42 -12.75 9.68 9.73
N SER A 43 -13.51 9.91 8.67
CA SER A 43 -14.97 9.85 8.75
C SER A 43 -15.41 8.81 7.74
N ASP A 44 -16.63 8.31 7.88
CA ASP A 44 -17.14 7.31 6.96
C ASP A 44 -16.94 7.74 5.51
N GLY A 45 -16.45 6.82 4.68
CA GLY A 45 -16.24 7.13 3.28
C GLY A 45 -14.84 7.59 2.93
N ASP A 46 -14.04 7.96 3.93
CA ASP A 46 -12.67 8.39 3.65
C ASP A 46 -11.81 7.26 3.13
N VAL A 47 -10.78 7.63 2.37
CA VAL A 47 -9.91 6.64 1.76
C VAL A 47 -8.50 6.66 2.34
N VAL A 48 -7.81 5.54 2.20
CA VAL A 48 -6.44 5.44 2.63
C VAL A 48 -5.71 4.66 1.57
N GLY A 49 -4.43 4.95 1.39
CA GLY A 49 -3.62 4.24 0.41
C GLY A 49 -3.21 2.94 1.10
N PHE A 50 -3.20 1.84 0.37
CA PHE A 50 -2.87 0.52 0.91
C PHE A 50 -1.95 -0.30 0.03
N ASP A 51 -1.05 -1.06 0.67
CA ASP A 51 -0.14 -1.96 -0.03
C ASP A 51 0.44 -2.89 1.04
N MET A 52 1.02 -3.97 0.61
CA MET A 52 1.62 -4.87 1.57
C MET A 52 2.75 -5.51 0.87
N GLU A 53 3.69 -5.95 1.65
CA GLU A 53 4.89 -6.58 1.13
C GLU A 53 5.15 -7.91 1.81
N TRP A 54 5.92 -8.77 1.16
CA TRP A 54 6.30 -10.07 1.71
C TRP A 54 7.63 -10.48 1.14
N PRO A 55 8.40 -11.28 1.90
CA PRO A 55 9.71 -11.75 1.43
C PRO A 55 9.58 -12.75 0.29
N PRO A 56 10.60 -12.83 -0.58
CA PRO A 56 10.63 -13.74 -1.73
C PRO A 56 10.94 -15.17 -1.30
N LEU A 57 10.72 -15.46 -0.03
CA LEU A 57 10.98 -16.78 0.52
C LEU A 57 9.71 -17.62 0.58
N TYR A 58 9.80 -18.90 0.24
CA TYR A 58 8.64 -19.78 0.28
C TYR A 58 8.66 -20.61 1.53
N ASN A 59 7.51 -20.89 2.09
CA ASN A 59 7.39 -21.67 3.31
C ASN A 59 6.33 -22.74 3.15
N ARG A 60 6.70 -23.99 3.41
CA ARG A 60 5.78 -25.11 3.30
C ARG A 60 4.90 -25.11 2.05
N GLY A 61 5.52 -24.90 0.89
CA GLY A 61 4.77 -24.93 -0.35
C GLY A 61 4.15 -23.65 -0.88
N LYS A 62 4.23 -22.55 -0.15
CA LYS A 62 3.64 -21.31 -0.66
C LYS A 62 4.39 -20.07 -0.20
N LEU A 63 4.12 -18.95 -0.85
CA LEU A 63 4.78 -17.68 -0.52
C LEU A 63 4.78 -17.46 0.97
N GLY A 64 5.84 -16.82 1.47
CA GLY A 64 5.91 -16.53 2.88
C GLY A 64 4.79 -15.55 3.20
N LYS A 65 4.39 -15.51 4.47
CA LYS A 65 3.31 -14.63 4.91
C LYS A 65 3.60 -13.15 4.73
N VAL A 66 2.53 -12.38 4.63
CA VAL A 66 2.63 -10.93 4.51
C VAL A 66 3.47 -10.50 5.69
N ALA A 67 4.48 -9.66 5.45
CA ALA A 67 5.38 -9.21 6.51
C ALA A 67 5.17 -7.75 6.87
N LEU A 68 4.61 -6.98 5.94
CA LEU A 68 4.42 -5.56 6.15
C LEU A 68 3.13 -5.05 5.52
N ILE A 69 2.46 -4.15 6.22
CA ILE A 69 1.23 -3.57 5.71
C ILE A 69 1.42 -2.07 5.81
N GLN A 70 1.17 -1.37 4.71
CA GLN A 70 1.33 0.07 4.66
C GLN A 70 0.02 0.79 4.41
N LEU A 71 -0.22 1.84 5.18
CA LEU A 71 -1.42 2.64 5.05
C LEU A 71 -1.06 4.12 4.97
N CYS A 72 -1.44 4.79 3.89
CA CYS A 72 -1.18 6.21 3.76
C CYS A 72 -2.52 6.88 4.00
N VAL A 73 -2.59 7.72 5.04
CA VAL A 73 -3.83 8.38 5.41
C VAL A 73 -3.94 9.84 4.95
N SER A 74 -2.81 10.42 4.54
CA SER A 74 -2.79 11.79 4.07
C SER A 74 -1.55 11.96 3.23
N GLU A 75 -1.39 13.13 2.63
CA GLU A 75 -0.23 13.39 1.78
C GLU A 75 1.04 13.57 2.60
N SER A 76 0.90 13.66 3.92
CA SER A 76 2.07 13.84 4.78
C SER A 76 2.30 12.76 5.83
N LYS A 77 1.50 11.70 5.83
CA LYS A 77 1.69 10.65 6.83
C LYS A 77 1.36 9.22 6.38
N CYS A 78 2.32 8.32 6.54
CA CYS A 78 2.13 6.92 6.16
C CYS A 78 2.51 6.02 7.34
N TYR A 79 1.78 4.92 7.51
CA TYR A 79 2.04 3.99 8.59
C TYR A 79 2.59 2.68 8.04
N LEU A 80 3.67 2.19 8.65
CA LEU A 80 4.29 0.93 8.25
C LEU A 80 4.14 -0.05 9.40
N PHE A 81 3.23 -1.00 9.23
CA PHE A 81 2.94 -2.01 10.24
C PHE A 81 3.69 -3.30 9.94
N HIS A 82 4.83 -3.48 10.60
CA HIS A 82 5.70 -4.63 10.40
C HIS A 82 5.15 -5.86 11.13
N VAL A 83 4.04 -6.39 10.63
CA VAL A 83 3.39 -7.53 11.26
C VAL A 83 4.24 -8.79 11.43
N SER A 84 5.28 -8.97 10.60
CA SER A 84 6.11 -10.16 10.77
C SER A 84 6.88 -10.14 12.10
N SER A 85 7.05 -8.95 12.68
CA SER A 85 7.77 -8.83 13.95
C SER A 85 6.83 -8.86 15.16
N MET A 86 5.53 -8.92 14.91
CA MET A 86 4.54 -8.94 15.98
C MET A 86 4.21 -10.38 16.39
N SER A 87 3.90 -10.59 17.67
CA SER A 87 3.58 -11.93 18.16
C SER A 87 2.21 -12.43 17.72
N VAL A 88 1.33 -11.49 17.37
CA VAL A 88 -0.01 -11.84 16.93
C VAL A 88 -0.43 -10.75 15.94
N PHE A 89 -1.44 -11.01 15.14
CA PHE A 89 -1.90 -9.99 14.21
C PHE A 89 -2.70 -8.98 15.02
N PRO A 90 -2.26 -7.71 15.01
CA PRO A 90 -2.94 -6.64 15.76
C PRO A 90 -4.43 -6.50 15.50
N GLN A 91 -5.21 -6.59 16.57
CA GLN A 91 -6.67 -6.49 16.49
C GLN A 91 -7.18 -5.16 15.93
N GLY A 92 -6.54 -4.05 16.31
CA GLY A 92 -6.98 -2.76 15.81
C GLY A 92 -6.80 -2.64 14.31
N LEU A 93 -5.74 -3.24 13.78
CA LEU A 93 -5.45 -3.24 12.35
C LEU A 93 -6.49 -4.09 11.64
N LYS A 94 -6.76 -5.27 12.20
CA LYS A 94 -7.76 -6.15 11.62
C LYS A 94 -9.09 -5.42 11.47
N MET A 95 -9.50 -4.72 12.52
CA MET A 95 -10.76 -3.97 12.51
C MET A 95 -10.77 -2.89 11.43
N LEU A 96 -9.67 -2.17 11.30
CA LEU A 96 -9.58 -1.13 10.29
C LEU A 96 -9.70 -1.74 8.90
N LEU A 97 -8.99 -2.86 8.67
CA LEU A 97 -9.02 -3.52 7.36
C LEU A 97 -10.38 -4.16 7.03
N GLU A 98 -11.03 -4.58 8.04
CA GLU A 98 -12.33 -5.21 7.85
C GLU A 98 -13.48 -4.20 7.95
N ASN A 99 -13.19 -2.97 8.29
CA ASN A 99 -14.18 -1.90 8.39
C ASN A 99 -14.68 -1.37 7.04
N LYS A 100 -15.97 -1.58 6.78
CA LYS A 100 -16.58 -1.14 5.52
C LYS A 100 -16.66 0.37 5.39
N ALA A 101 -16.51 1.08 6.51
CA ALA A 101 -16.58 2.54 6.51
C ALA A 101 -15.29 3.20 6.03
N VAL A 102 -14.23 2.42 5.87
CA VAL A 102 -12.95 2.94 5.41
C VAL A 102 -12.56 2.25 4.11
N LYS A 103 -12.34 3.05 3.08
CA LYS A 103 -11.98 2.51 1.77
C LYS A 103 -10.47 2.39 1.64
N LYS A 104 -10.00 1.27 1.11
CA LYS A 104 -8.57 1.04 0.90
C LYS A 104 -8.32 1.03 -0.60
N ALA A 105 -7.41 1.89 -1.05
CA ALA A 105 -7.10 2.00 -2.47
C ALA A 105 -5.71 1.48 -2.84
N GLY A 106 -5.64 0.74 -3.95
CA GLY A 106 -4.38 0.21 -4.42
C GLY A 106 -4.53 -0.51 -5.75
N VAL A 107 -3.42 -1.02 -6.27
CA VAL A 107 -3.43 -1.76 -7.53
C VAL A 107 -3.02 -3.20 -7.22
N GLY A 108 -3.86 -4.14 -7.65
CA GLY A 108 -3.60 -5.54 -7.39
C GLY A 108 -4.08 -5.85 -5.99
N ILE A 109 -4.99 -5.03 -5.50
CA ILE A 109 -5.54 -5.15 -4.16
C ILE A 109 -6.45 -6.36 -3.94
N GLU A 110 -7.09 -6.87 -4.99
CA GLU A 110 -7.93 -8.05 -4.79
C GLU A 110 -6.97 -9.20 -4.43
N GLY A 111 -5.85 -9.25 -5.14
CA GLY A 111 -4.85 -10.27 -4.88
C GLY A 111 -4.35 -10.19 -3.46
N ASP A 112 -4.20 -8.97 -2.94
CA ASP A 112 -3.75 -8.78 -1.57
C ASP A 112 -4.85 -9.32 -0.65
N GLN A 113 -6.09 -9.05 -1.00
CA GLN A 113 -7.24 -9.51 -0.23
C GLN A 113 -7.16 -11.03 -0.02
N TRP A 114 -6.93 -11.78 -1.09
CA TRP A 114 -6.86 -13.23 -0.95
C TRP A 114 -5.64 -13.72 -0.16
N LYS A 115 -4.50 -13.05 -0.32
CA LYS A 115 -3.32 -13.48 0.43
C LYS A 115 -3.47 -13.16 1.91
N LEU A 116 -4.12 -12.05 2.21
CA LEU A 116 -4.34 -11.64 3.60
C LEU A 116 -5.25 -12.66 4.28
N LEU A 117 -6.28 -13.09 3.56
CA LEU A 117 -7.24 -14.07 4.07
C LEU A 117 -6.53 -15.39 4.35
N ARG A 118 -5.74 -15.86 3.40
CA ARG A 118 -5.03 -17.11 3.57
C ARG A 118 -3.99 -17.01 4.68
N ASP A 119 -3.26 -15.89 4.74
CA ASP A 119 -2.23 -15.73 5.75
C ASP A 119 -2.69 -15.42 7.18
N PHE A 120 -3.71 -14.58 7.33
CA PHE A 120 -4.15 -14.22 8.68
C PHE A 120 -5.66 -14.35 8.90
N ASP A 121 -6.37 -14.90 7.91
CA ASP A 121 -7.81 -15.06 8.02
C ASP A 121 -8.46 -13.70 8.29
N ILE A 122 -7.94 -12.67 7.62
CA ILE A 122 -8.48 -11.31 7.74
C ILE A 122 -9.25 -11.07 6.45
N LYS A 123 -10.42 -10.45 6.55
CA LYS A 123 -11.24 -10.21 5.38
C LYS A 123 -11.33 -8.73 5.02
N LEU A 124 -10.42 -8.28 4.16
CA LEU A 124 -10.36 -6.90 3.71
C LEU A 124 -11.72 -6.47 3.17
N LYS A 125 -12.26 -5.39 3.72
CA LYS A 125 -13.55 -4.87 3.29
C LYS A 125 -13.43 -3.48 2.67
N ASN A 126 -14.28 -3.20 1.69
CA ASN A 126 -14.31 -1.91 1.01
C ASN A 126 -12.97 -1.51 0.39
N PHE A 127 -12.41 -2.38 -0.43
CA PHE A 127 -11.15 -2.08 -1.10
C PHE A 127 -11.50 -1.66 -2.51
N VAL A 128 -10.66 -0.85 -3.13
CA VAL A 128 -10.92 -0.41 -4.50
C VAL A 128 -9.69 -0.57 -5.38
N GLU A 129 -9.88 -1.25 -6.50
CA GLU A 129 -8.80 -1.46 -7.45
C GLU A 129 -8.71 -0.18 -8.30
N LEU A 130 -7.60 0.53 -8.16
CA LEU A 130 -7.40 1.77 -8.91
C LEU A 130 -7.51 1.59 -10.42
N THR A 131 -7.24 0.37 -10.89
CA THR A 131 -7.33 0.07 -12.32
C THR A 131 -8.74 0.37 -12.81
N ASP A 132 -9.73 0.00 -12.00
CA ASP A 132 -11.14 0.21 -12.36
C ASP A 132 -11.56 1.66 -12.17
N VAL A 133 -11.04 2.30 -11.13
CA VAL A 133 -11.37 3.70 -10.88
C VAL A 133 -10.78 4.57 -12.01
N ALA A 134 -9.56 4.22 -12.43
CA ALA A 134 -8.90 4.96 -13.49
C ALA A 134 -9.65 4.80 -14.81
N ASN A 135 -9.93 3.56 -15.19
CA ASN A 135 -10.66 3.30 -16.42
C ASN A 135 -11.98 4.05 -16.44
N LYS A 136 -12.64 4.09 -15.29
CA LYS A 136 -13.92 4.80 -15.17
C LYS A 136 -13.79 6.31 -15.34
N LYS A 137 -13.01 6.94 -14.48
CA LYS A 137 -12.81 8.39 -14.50
C LYS A 137 -12.04 8.93 -15.69
N LEU A 138 -11.11 8.13 -16.22
CA LEU A 138 -10.29 8.54 -17.37
C LEU A 138 -10.90 8.12 -18.70
N LYS A 139 -12.04 7.42 -18.63
CA LYS A 139 -12.74 6.96 -19.83
C LYS A 139 -11.82 6.19 -20.76
N CYS A 140 -11.30 5.07 -20.26
CA CYS A 140 -10.41 4.24 -21.06
C CYS A 140 -10.54 2.80 -20.59
N THR A 141 -9.78 1.90 -21.22
CA THR A 141 -9.83 0.49 -20.87
C THR A 141 -8.41 -0.03 -20.94
N GLU A 142 -7.62 0.34 -19.94
CA GLU A 142 -6.21 -0.08 -19.89
C GLU A 142 -5.98 -1.07 -18.76
N THR A 143 -4.89 -1.81 -18.87
CA THR A 143 -4.50 -2.78 -17.85
C THR A 143 -3.39 -2.10 -17.07
N TRP A 144 -3.78 -1.13 -16.25
CA TRP A 144 -2.84 -0.36 -15.45
C TRP A 144 -2.05 -1.14 -14.42
N SER A 145 -0.90 -0.58 -14.07
CA SER A 145 -0.03 -1.13 -13.03
C SER A 145 0.11 0.12 -12.18
N LEU A 146 0.61 -0.02 -10.96
CA LEU A 146 0.78 1.15 -10.10
C LEU A 146 1.74 2.13 -10.77
N ASN A 147 2.81 1.60 -11.35
CA ASN A 147 3.82 2.43 -12.00
C ASN A 147 3.24 3.21 -13.19
N SER A 148 2.53 2.52 -14.10
CA SER A 148 1.98 3.18 -15.27
C SER A 148 0.97 4.26 -14.90
N LEU A 149 0.27 4.09 -13.78
CA LEU A 149 -0.68 5.11 -13.32
C LEU A 149 0.06 6.31 -12.76
N VAL A 150 1.15 6.04 -12.04
CA VAL A 150 1.97 7.10 -11.46
C VAL A 150 2.55 7.94 -12.60
N LYS A 151 3.01 7.27 -13.65
CA LYS A 151 3.57 7.96 -14.80
C LYS A 151 2.50 8.81 -15.49
N HIS A 152 1.37 8.19 -15.79
CA HIS A 152 0.26 8.87 -16.48
C HIS A 152 -0.34 10.05 -15.72
N LEU A 153 -0.57 9.89 -14.43
CA LEU A 153 -1.19 10.94 -13.63
C LEU A 153 -0.26 11.89 -12.89
N LEU A 154 0.94 11.44 -12.56
CA LEU A 154 1.85 12.29 -11.81
C LEU A 154 3.16 12.67 -12.50
N GLY A 155 3.45 12.03 -13.62
CA GLY A 155 4.67 12.34 -14.35
C GLY A 155 5.92 11.85 -13.64
N LYS A 156 5.80 10.72 -12.95
CA LYS A 156 6.95 10.16 -12.24
C LYS A 156 6.91 8.64 -12.33
N GLN A 157 8.01 7.99 -11.99
CA GLN A 157 8.07 6.55 -12.00
C GLN A 157 8.40 6.09 -10.59
N LEU A 158 8.12 4.82 -10.31
CA LEU A 158 8.38 4.25 -8.99
C LEU A 158 9.83 3.78 -8.86
N LEU A 159 10.37 3.86 -7.65
CA LEU A 159 11.74 3.40 -7.39
C LEU A 159 11.76 1.98 -7.92
N LYS A 160 12.86 1.56 -8.52
CA LYS A 160 12.91 0.23 -9.11
C LYS A 160 14.09 -0.67 -8.81
N ASP A 161 14.78 -0.44 -7.70
CA ASP A 161 15.91 -1.29 -7.36
C ASP A 161 15.37 -2.64 -6.87
N LYS A 162 15.44 -3.65 -7.73
CA LYS A 162 14.95 -4.98 -7.41
C LYS A 162 15.44 -5.53 -6.07
N SER A 163 16.69 -5.22 -5.70
CA SER A 163 17.23 -5.71 -4.44
C SER A 163 16.51 -5.08 -3.25
N ILE A 164 15.67 -4.08 -3.52
CA ILE A 164 14.89 -3.45 -2.46
C ILE A 164 13.45 -3.94 -2.51
N ARG A 165 12.83 -3.87 -3.69
CA ARG A 165 11.46 -4.31 -3.84
C ARG A 165 11.29 -5.79 -3.58
N CYS A 166 12.34 -6.56 -3.83
CA CYS A 166 12.30 -7.99 -3.61
C CYS A 166 13.23 -8.38 -2.47
N SER A 167 13.42 -7.45 -1.52
CA SER A 167 14.28 -7.70 -0.38
C SER A 167 13.55 -8.56 0.66
N ASN A 168 14.23 -8.87 1.76
CA ASN A 168 13.63 -9.68 2.83
C ASN A 168 12.79 -8.79 3.74
N TRP A 169 11.53 -8.61 3.37
CA TRP A 169 10.63 -7.76 4.15
C TRP A 169 10.30 -8.24 5.55
N SER A 170 10.65 -9.48 5.89
CA SER A 170 10.37 -10.00 7.22
C SER A 170 11.56 -9.79 8.14
N LYS A 171 12.63 -9.22 7.61
CA LYS A 171 13.83 -8.99 8.41
C LYS A 171 13.69 -7.68 9.19
N PHE A 172 13.79 -7.78 10.51
CA PHE A 172 13.70 -6.61 11.39
C PHE A 172 15.10 -6.14 11.76
N PRO A 173 15.36 -4.83 11.73
CA PRO A 173 14.41 -3.78 11.33
C PRO A 173 14.48 -3.43 9.85
N LEU A 174 13.44 -2.80 9.34
CA LEU A 174 13.41 -2.36 7.95
C LEU A 174 14.54 -1.34 7.76
N THR A 175 15.19 -1.35 6.60
CA THR A 175 16.24 -0.37 6.32
C THR A 175 15.52 0.92 5.92
N GLU A 176 16.27 2.01 5.80
CA GLU A 176 15.64 3.27 5.40
C GLU A 176 15.15 3.19 3.96
N ASP A 177 15.85 2.45 3.11
CA ASP A 177 15.43 2.28 1.73
C ASP A 177 14.12 1.48 1.66
N GLN A 178 14.01 0.45 2.48
CA GLN A 178 12.78 -0.36 2.50
C GLN A 178 11.59 0.51 2.93
N LYS A 179 11.78 1.30 3.98
CA LYS A 179 10.71 2.17 4.46
C LYS A 179 10.26 3.12 3.37
N LEU A 180 11.23 3.72 2.68
CA LEU A 180 10.93 4.66 1.61
C LEU A 180 10.12 3.98 0.52
N TYR A 181 10.62 2.84 0.05
CA TYR A 181 9.94 2.07 -1.00
C TYR A 181 8.53 1.70 -0.58
N ALA A 182 8.41 1.10 0.60
CA ALA A 182 7.11 0.66 1.11
C ALA A 182 6.12 1.80 1.36
N ALA A 183 6.56 2.87 1.99
CA ALA A 183 5.68 4.00 2.27
C ALA A 183 5.21 4.65 0.96
N THR A 184 6.11 4.72 -0.01
CA THR A 184 5.75 5.33 -1.28
C THR A 184 4.69 4.56 -2.07
N ASP A 185 4.63 3.21 -1.94
CA ASP A 185 3.62 2.43 -2.65
C ASP A 185 2.22 2.78 -2.13
N ALA A 186 2.12 2.97 -0.81
CA ALA A 186 0.84 3.32 -0.20
C ALA A 186 0.47 4.76 -0.53
N TYR A 187 1.47 5.64 -0.48
CA TYR A 187 1.28 7.05 -0.79
C TYR A 187 0.75 7.20 -2.22
N ALA A 188 1.30 6.41 -3.13
CA ALA A 188 0.90 6.43 -4.52
C ALA A 188 -0.60 6.14 -4.64
N GLY A 189 -1.03 5.07 -3.97
CA GLY A 189 -2.44 4.70 -4.01
C GLY A 189 -3.34 5.82 -3.52
N PHE A 190 -2.94 6.47 -2.44
CA PHE A 190 -3.73 7.56 -1.88
C PHE A 190 -3.85 8.76 -2.83
N ILE A 191 -2.71 9.20 -3.36
CA ILE A 191 -2.67 10.33 -4.27
C ILE A 191 -3.43 10.06 -5.56
N ILE A 192 -3.22 8.87 -6.12
CA ILE A 192 -3.90 8.50 -7.36
C ILE A 192 -5.41 8.53 -7.17
N TYR A 193 -5.89 7.93 -6.07
CA TYR A 193 -7.32 7.91 -5.81
C TYR A 193 -7.84 9.33 -5.64
N ARG A 194 -7.13 10.14 -4.86
CA ARG A 194 -7.53 11.51 -4.61
C ARG A 194 -7.65 12.29 -5.92
N ASN A 195 -6.62 12.21 -6.75
CA ASN A 195 -6.61 12.93 -8.01
C ASN A 195 -7.72 12.45 -8.96
N LEU A 196 -7.95 11.14 -9.02
CA LEU A 196 -9.01 10.61 -9.89
C LEU A 196 -10.40 11.01 -9.41
N GLU A 197 -10.60 10.99 -8.10
CA GLU A 197 -11.90 11.33 -7.52
C GLU A 197 -12.39 12.73 -7.83
N ILE A 198 -11.48 13.71 -7.84
CA ILE A 198 -11.86 15.09 -8.11
C ILE A 198 -12.32 15.33 -9.56
N LEU A 199 -11.88 14.47 -10.47
CA LEU A 199 -12.25 14.61 -11.88
C LEU A 199 -13.76 14.52 -12.09
N ASP A 200 -14.29 15.46 -12.87
CA ASP A 200 -15.72 15.48 -13.16
C ASP A 200 -16.01 16.29 -14.41
#